data_1KCI
# 
_entry.id   1KCI 
# 
_audit_conform.dict_name       mmcif_pdbx.dic 
_audit_conform.dict_version    5.389 
_audit_conform.dict_location   http://mmcif.pdb.org/dictionaries/ascii/mmcif_pdbx.dic 
# 
loop_
_database_2.database_id 
_database_2.database_code 
_database_2.pdbx_database_accession 
_database_2.pdbx_DOI 
PDB   1KCI         pdb_00001kci 10.2210/pdb1kci/pdb 
NDB   DD0048       ?            ?                   
RCSB  RCSB014810   ?            ?                   
WWPDB D_1000014810 ?            ?                   
# 
loop_
_pdbx_audit_revision_history.ordinal 
_pdbx_audit_revision_history.data_content_type 
_pdbx_audit_revision_history.major_revision 
_pdbx_audit_revision_history.minor_revision 
_pdbx_audit_revision_history.revision_date 
1 'Structure model' 1 0 2002-02-01 
2 'Structure model' 1 1 2008-04-27 
3 'Structure model' 1 2 2011-07-13 
4 'Structure model' 1 3 2024-02-07 
5 'Structure model' 1 4 2024-04-03 
# 
_pdbx_audit_revision_details.ordinal             1 
_pdbx_audit_revision_details.revision_ordinal    1 
_pdbx_audit_revision_details.data_content_type   'Structure model' 
_pdbx_audit_revision_details.provider            repository 
_pdbx_audit_revision_details.type                'Initial release' 
_pdbx_audit_revision_details.description         ? 
_pdbx_audit_revision_details.details             ? 
# 
loop_
_pdbx_audit_revision_group.ordinal 
_pdbx_audit_revision_group.revision_ordinal 
_pdbx_audit_revision_group.data_content_type 
_pdbx_audit_revision_group.group 
1 2 'Structure model' 'Version format compliance' 
2 3 'Structure model' 'Version format compliance' 
3 4 'Structure model' 'Data collection'           
4 4 'Structure model' 'Database references'       
5 4 'Structure model' 'Derived calculations'      
6 5 'Structure model' 'Refinement description'    
# 
loop_
_pdbx_audit_revision_category.ordinal 
_pdbx_audit_revision_category.revision_ordinal 
_pdbx_audit_revision_category.data_content_type 
_pdbx_audit_revision_category.category 
1 4 'Structure model' chem_comp_atom                
2 4 'Structure model' chem_comp_bond                
3 4 'Structure model' database_2                    
4 4 'Structure model' struct_site                   
5 5 'Structure model' pdbx_initial_refinement_model 
# 
loop_
_pdbx_audit_revision_item.ordinal 
_pdbx_audit_revision_item.revision_ordinal 
_pdbx_audit_revision_item.data_content_type 
_pdbx_audit_revision_item.item 
1 4 'Structure model' '_database_2.pdbx_DOI'                
2 4 'Structure model' '_database_2.pdbx_database_accession' 
3 4 'Structure model' '_struct_site.pdbx_auth_asym_id'      
4 4 'Structure model' '_struct_site.pdbx_auth_comp_id'      
5 4 'Structure model' '_struct_site.pdbx_auth_seq_id'       
# 
_pdbx_database_status.status_code                     REL 
_pdbx_database_status.entry_id                        1KCI 
_pdbx_database_status.recvd_initial_deposition_date   2001-11-08 
_pdbx_database_status.deposit_site                    RCSB 
_pdbx_database_status.process_site                    RCSB 
_pdbx_database_status.status_code_sf                  REL 
_pdbx_database_status.SG_entry                        . 
_pdbx_database_status.pdb_format_compatible           Y 
_pdbx_database_status.status_code_mr                  ? 
_pdbx_database_status.status_code_cs                  ? 
_pdbx_database_status.status_code_nmr_data            ? 
_pdbx_database_status.methods_development_category    ? 
# 
loop_
_pdbx_database_related.db_name 
_pdbx_database_related.db_id 
_pdbx_database_related.details 
_pdbx_database_related.content_type 
NDB DD0015 
;5'-d(CpGpTpApCpG)-3', 9-amino-[N-(2-dimethylamino)ethyl]acridine-4-carboxamide
;
unspecified 
NDB DD0023 
;5'-d(CpGpTpApCpG)-3', 5-F-9-amino-[N-(2-dimethylamino)ethyl]acridine-4-carboxamide
;
unspecified 
NDB DDF073 
;5'-d(CG5BrUACG)-3', 6Br-9-amino-[N-(2-dimethylamino)ethyl]acridine-4-carboxamide
;
unspecified 
# 
loop_
_audit_author.name 
_audit_author.pdbx_ordinal 
'Adams, A.'       1 
'Guss, J.M.'      2 
'Denny, W.A.'     3 
'Wakelin, L.P.G.' 4 
# 
_citation.id                        primary 
_citation.title                     
;Crystal structure of 9-amino-N-[2-(4-morpholinyl)ethyl]-4-acridinecarboxamide bound to d(CGTACG)2: implications for structure-activity relationships of acridinecarboxamide topoisomerase poisons.
;
_citation.journal_abbrev            'Nucleic Acids Res.' 
_citation.journal_volume            30 
_citation.page_first                719 
_citation.page_last                 725 
_citation.year                      2002 
_citation.journal_id_ASTM           NARHAD 
_citation.country                   UK 
_citation.journal_id_ISSN           0305-1048 
_citation.journal_id_CSD            0389 
_citation.book_publisher            ? 
_citation.pdbx_database_id_PubMed   11809884 
_citation.pdbx_database_id_DOI      10.1093/nar/30.3.719 
# 
loop_
_citation_author.citation_id 
_citation_author.name 
_citation_author.ordinal 
_citation_author.identifier_ORCID 
primary 'Adams, A.'     1 ? 
primary 'Guss, J.M.'    2 ? 
primary 'Denny, W.A.'   3 ? 
primary 'Wakelin, L.P.' 4 ? 
# 
loop_
_entity.id 
_entity.type 
_entity.src_method 
_entity.pdbx_description 
_entity.formula_weight 
_entity.pdbx_number_of_molecules 
_entity.pdbx_ec 
_entity.pdbx_mutation 
_entity.pdbx_fragment 
_entity.details 
1 polymer     syn "5'-D(*CP*GP*TP*AP*CP*G)-3'"                               1809.217 1  ? ? ? ? 
2 non-polymer syn '9-AMINO-N-[2-(4-MORPHOLINYL)ETHYL]-4-ACRIDINECARBOXAMIDE' 350.414  2  ? ? ? ? 
3 water       nat water                                                      18.015   20 ? ? ? ? 
# 
_entity_poly.entity_id                      1 
_entity_poly.type                           polydeoxyribonucleotide 
_entity_poly.nstd_linkage                   no 
_entity_poly.nstd_monomer                   no 
_entity_poly.pdbx_seq_one_letter_code       '(DC)(DG)(DT)(DA)(DC)(DG)' 
_entity_poly.pdbx_seq_one_letter_code_can   CGTACG 
_entity_poly.pdbx_strand_id                 A 
_entity_poly.pdbx_target_identifier         ? 
# 
loop_
_pdbx_entity_nonpoly.entity_id 
_pdbx_entity_nonpoly.name 
_pdbx_entity_nonpoly.comp_id 
2 '9-AMINO-N-[2-(4-MORPHOLINYL)ETHYL]-4-ACRIDINECARBOXAMIDE' DRC 
3 water                                                      HOH 
# 
loop_
_entity_poly_seq.entity_id 
_entity_poly_seq.num 
_entity_poly_seq.mon_id 
_entity_poly_seq.hetero 
1 1 DC n 
1 2 DG n 
1 3 DT n 
1 4 DA n 
1 5 DC n 
1 6 DG n 
# 
loop_
_chem_comp.id 
_chem_comp.type 
_chem_comp.mon_nstd_flag 
_chem_comp.name 
_chem_comp.pdbx_synonyms 
_chem_comp.formula 
_chem_comp.formula_weight 
DA  'DNA linking' y "2'-DEOXYADENOSINE-5'-MONOPHOSPHATE"                       ? 'C10 H14 N5 O6 P' 331.222 
DC  'DNA linking' y "2'-DEOXYCYTIDINE-5'-MONOPHOSPHATE"                        ? 'C9 H14 N3 O7 P'  307.197 
DG  'DNA linking' y "2'-DEOXYGUANOSINE-5'-MONOPHOSPHATE"                       ? 'C10 H14 N5 O7 P' 347.221 
DRC non-polymer   . '9-AMINO-N-[2-(4-MORPHOLINYL)ETHYL]-4-ACRIDINECARBOXAMIDE' ? 'C20 H22 N4 O2'   350.414 
DT  'DNA linking' y "THYMIDINE-5'-MONOPHOSPHATE"                               ? 'C10 H15 N2 O8 P' 322.208 
HOH non-polymer   . WATER                                                      ? 'H2 O'            18.015  
# 
loop_
_pdbx_poly_seq_scheme.asym_id 
_pdbx_poly_seq_scheme.entity_id 
_pdbx_poly_seq_scheme.seq_id 
_pdbx_poly_seq_scheme.mon_id 
_pdbx_poly_seq_scheme.ndb_seq_num 
_pdbx_poly_seq_scheme.pdb_seq_num 
_pdbx_poly_seq_scheme.auth_seq_num 
_pdbx_poly_seq_scheme.pdb_mon_id 
_pdbx_poly_seq_scheme.auth_mon_id 
_pdbx_poly_seq_scheme.pdb_strand_id 
_pdbx_poly_seq_scheme.pdb_ins_code 
_pdbx_poly_seq_scheme.hetero 
A 1 1 DC 1 1001 1001 DC C A . n 
A 1 2 DG 2 1002 1002 DG G A . n 
A 1 3 DT 3 1003 1003 DT T A . n 
A 1 4 DA 4 1004 1004 DA A A . n 
A 1 5 DC 5 1005 1005 DC C A . n 
A 1 6 DG 6 1006 1006 DG G A . n 
# 
loop_
_pdbx_nonpoly_scheme.asym_id 
_pdbx_nonpoly_scheme.entity_id 
_pdbx_nonpoly_scheme.mon_id 
_pdbx_nonpoly_scheme.ndb_seq_num 
_pdbx_nonpoly_scheme.pdb_seq_num 
_pdbx_nonpoly_scheme.auth_seq_num 
_pdbx_nonpoly_scheme.pdb_mon_id 
_pdbx_nonpoly_scheme.auth_mon_id 
_pdbx_nonpoly_scheme.pdb_strand_id 
_pdbx_nonpoly_scheme.pdb_ins_code 
B 2 DRC 1  3014 3014 DRC DRC A . 
C 2 DRC 1  3015 3015 DRC DRC A . 
D 3 HOH 1  4001 4001 HOH HOH A . 
D 3 HOH 2  4002 4002 HOH HOH A . 
D 3 HOH 3  4003 4003 HOH HOH A . 
D 3 HOH 4  4004 4004 HOH HOH A . 
D 3 HOH 5  4005 4005 HOH HOH A . 
D 3 HOH 6  4006 4006 HOH HOH A . 
D 3 HOH 7  4007 4007 HOH HOH A . 
D 3 HOH 8  4008 4008 HOH HOH A . 
D 3 HOH 9  4009 4009 HOH HOH A . 
D 3 HOH 10 4010 4010 HOH HOH A . 
D 3 HOH 11 4011 4011 HOH HOH A . 
D 3 HOH 12 4012 4012 HOH HOH A . 
D 3 HOH 13 4013 4013 HOH HOH A . 
D 3 HOH 14 4014 4014 HOH HOH A . 
D 3 HOH 15 4015 4015 HOH HOH A . 
D 3 HOH 16 4016 4016 HOH HOH A . 
D 3 HOH 17 4017 4017 HOH HOH A . 
D 3 HOH 18 4018 4018 HOH HOH A . 
D 3 HOH 19 4019 4019 HOH HOH A . 
D 3 HOH 20 4020 4020 HOH HOH A . 
# 
loop_
_software.name 
_software.classification 
_software.version 
_software.citation_id 
_software.pdbx_ordinal 
SHELXL-97 refinement       . ? 1 
DENZO     'data reduction' . ? 2 
SCALEPACK 'data scaling'   . ? 3 
# 
_cell.entry_id           1KCI 
_cell.length_a           30.239 
_cell.length_b           30.239 
_cell.length_c           39.340 
_cell.angle_alpha        90.00 
_cell.angle_beta         90.00 
_cell.angle_gamma        120.00 
_cell.Z_PDB              6 
_cell.pdbx_unique_axis   ? 
# 
_symmetry.entry_id                         1KCI 
_symmetry.space_group_name_H-M             'P 64' 
_symmetry.pdbx_full_space_group_name_H-M   ? 
_symmetry.cell_setting                     ? 
_symmetry.Int_Tables_number                172 
# 
_exptl.entry_id          1KCI 
_exptl.method            'X-RAY DIFFRACTION' 
_exptl.crystals_number   1 
# 
_exptl_crystal.id                    1 
_exptl_crystal.density_meas          ? 
_exptl_crystal.density_Matthews      2.75 
_exptl_crystal.density_percent_sol   55.25 
_exptl_crystal.description           ? 
# 
_exptl_crystal_grow.crystal_id      1 
_exptl_crystal_grow.method          'VAPOR DIFFUSION, SITTING DROP' 
_exptl_crystal_grow.temp            285 
_exptl_crystal_grow.temp_details    ? 
_exptl_crystal_grow.pH              6.0 
_exptl_crystal_grow.pdbx_details    
'cacodylate, spermine, KCl, MgCl2, MPD, pH 6.0, VAPOR DIFFUSION, SITTING DROP, temperature 285K' 
_exptl_crystal_grow.pdbx_pH_range   ? 
# 
loop_
_exptl_crystal_grow_comp.crystal_id 
_exptl_crystal_grow_comp.id 
_exptl_crystal_grow_comp.sol_id 
_exptl_crystal_grow_comp.name 
_exptl_crystal_grow_comp.volume 
_exptl_crystal_grow_comp.conc 
_exptl_crystal_grow_comp.details 
1 1 1 cacodylate ? ? ? 
1 2 1 spermine   ? ? ? 
1 3 1 KCl        ? ? ? 
1 4 1 MgCl2      ? ? ? 
1 5 1 MPD        ? ? ? 
# 
_diffrn.id                     1 
_diffrn.ambient_temp           110 
_diffrn.ambient_temp_details   ? 
_diffrn.crystal_id             1 
# 
_diffrn_detector.diffrn_id              1 
_diffrn_detector.detector               'IMAGE PLATE' 
_diffrn_detector.type                   'RIGAKU RAXIS II' 
_diffrn_detector.pdbx_collection_date   2000-08-01 
_diffrn_detector.details                'focusing mirror' 
# 
_diffrn_radiation.diffrn_id                        1 
_diffrn_radiation.wavelength_id                    1 
_diffrn_radiation.pdbx_monochromatic_or_laue_m_l   M 
_diffrn_radiation.monochromator                    ? 
_diffrn_radiation.pdbx_diffrn_protocol             'SINGLE WAVELENGTH' 
_diffrn_radiation.pdbx_scattering_type             x-ray 
# 
_diffrn_radiation_wavelength.id           1 
_diffrn_radiation_wavelength.wavelength   1.5418 
_diffrn_radiation_wavelength.wt           1.0 
# 
_diffrn_source.diffrn_id                   1 
_diffrn_source.source                      'ROTATING ANODE' 
_diffrn_source.type                        'RIGAKU RU200' 
_diffrn_source.pdbx_synchrotron_site       ? 
_diffrn_source.pdbx_synchrotron_beamline   ? 
_diffrn_source.pdbx_wavelength             ? 
_diffrn_source.pdbx_wavelength_list        1.5418 
# 
_reflns.entry_id                     1KCI 
_reflns.observed_criterion_sigma_I   0.0 
_reflns.observed_criterion_sigma_F   0.0 
_reflns.d_resolution_low             40 
_reflns.d_resolution_high            1.8 
_reflns.number_obs                   1951 
_reflns.number_all                   1951 
_reflns.percent_possible_obs         99.8 
_reflns.pdbx_Rmerge_I_obs            ? 
_reflns.pdbx_Rsym_value              0.0940000 
_reflns.pdbx_netI_over_sigmaI        21.5 
_reflns.B_iso_Wilson_estimate        ? 
_reflns.pdbx_redundancy              7.7 
_reflns.R_free_details               ? 
_reflns.pdbx_diffrn_id               1 
_reflns.pdbx_ordinal                 1 
# 
_reflns_shell.d_res_high             1.80 
_reflns_shell.d_res_low              1.86 
_reflns_shell.percent_possible_all   100 
_reflns_shell.Rmerge_I_obs           ? 
_reflns_shell.pdbx_Rsym_value        0.3500000 
_reflns_shell.meanI_over_sigI_obs    5.0 
_reflns_shell.pdbx_redundancy        6.6 
_reflns_shell.percent_possible_obs   ? 
_reflns_shell.number_unique_all      195 
_reflns_shell.pdbx_diffrn_id         ? 
_reflns_shell.pdbx_ordinal           1 
# 
_refine.entry_id                                 1KCI 
_refine.ls_number_reflns_obs                     1931 
_refine.ls_number_reflns_all                     1931 
_refine.pdbx_ls_sigma_I                          0.0 
_refine.pdbx_ls_sigma_F                          0.0 
_refine.pdbx_data_cutoff_high_absF               ? 
_refine.pdbx_data_cutoff_low_absF                ? 
_refine.ls_d_res_low                             40 
_refine.ls_d_res_high                            1.8 
_refine.ls_percent_reflns_obs                    ? 
_refine.ls_R_factor_obs                          0.2190000 
_refine.ls_R_factor_all                          0.2190000 
_refine.ls_R_factor_R_work                       0.2150000 
_refine.ls_R_factor_R_free                       0.2910000 
_refine.ls_R_factor_R_free_error                 ? 
_refine.ls_R_factor_R_free_error_details         ? 
_refine.ls_percent_reflns_R_free                 ? 
_refine.ls_number_reflns_R_free                  143 
_refine.ls_number_parameters                     ? 
_refine.ls_number_restraints                     ? 
_refine.occupancy_min                            ? 
_refine.occupancy_max                            ? 
_refine.B_iso_mean                               28 
_refine.aniso_B[1][1]                            ? 
_refine.aniso_B[2][2]                            ? 
_refine.aniso_B[3][3]                            ? 
_refine.aniso_B[1][2]                            ? 
_refine.aniso_B[1][3]                            ? 
_refine.aniso_B[2][3]                            ? 
_refine.solvent_model_details                    ? 
_refine.solvent_model_param_ksol                 ? 
_refine.solvent_model_param_bsol                 ? 
_refine.pdbx_ls_cross_valid_method               Rfree 
_refine.details                                  ? 
_refine.pdbx_starting_model                      'NDB entry DD0015' 
_refine.pdbx_method_to_determine_struct          ISOMORPHOUS 
_refine.pdbx_isotropic_thermal_model             isotropic 
_refine.pdbx_stereochemistry_target_values       'SHELX 2000 DNA dictioary' 
_refine.pdbx_stereochem_target_val_spec_case     ? 
_refine.pdbx_R_Free_selection_details            Random 
_refine.pdbx_overall_ESU_R_Free                  ? 
_refine.overall_SU_B                             ? 
_refine.ls_redundancy_reflns_obs                 ? 
_refine.correlation_coeff_Fo_to_Fc               ? 
_refine.overall_SU_R_Cruickshank_DPI             ? 
_refine.overall_SU_R_free                        ? 
_refine.overall_SU_ML                            ? 
_refine.pdbx_overall_ESU_R                       ? 
_refine.pdbx_data_cutoff_high_rms_absF           ? 
_refine.correlation_coeff_Fo_to_Fc_free          ? 
_refine.pdbx_solvent_vdw_probe_radii             ? 
_refine.pdbx_solvent_ion_probe_radii             ? 
_refine.pdbx_solvent_shrinkage_radii             ? 
_refine.pdbx_refine_id                           'X-RAY DIFFRACTION' 
_refine.pdbx_diffrn_id                           1 
_refine.pdbx_TLS_residual_ADP_flag               ? 
_refine.pdbx_overall_phase_error                 ? 
_refine.pdbx_overall_SU_R_free_Cruickshank_DPI   ? 
_refine.pdbx_overall_SU_R_Blow_DPI               ? 
_refine.pdbx_overall_SU_R_free_Blow_DPI          ? 
# 
_refine_hist.pdbx_refine_id                   'X-RAY DIFFRACTION' 
_refine_hist.cycle_id                         LAST 
_refine_hist.pdbx_number_atoms_protein        0 
_refine_hist.pdbx_number_atoms_nucleic_acid   120 
_refine_hist.pdbx_number_atoms_ligand         52 
_refine_hist.number_atoms_solvent             20 
_refine_hist.number_atoms_total               192 
_refine_hist.d_res_high                       1.8 
_refine_hist.d_res_low                        40 
# 
_pdbx_refine.entry_id                                    1KCI 
_pdbx_refine.R_factor_all_no_cutoff                      0.2190000 
_pdbx_refine.R_factor_obs_no_cutoff                      0.2150000 
_pdbx_refine.free_R_factor_no_cutoff                     0.2910000 
_pdbx_refine.free_R_val_test_set_size_perc_no_cutoff     ? 
_pdbx_refine.free_R_val_test_set_ct_no_cutoff            ? 
_pdbx_refine.R_factor_all_4sig_cutoff                    ? 
_pdbx_refine.R_factor_obs_4sig_cutoff                    ? 
_pdbx_refine.free_R_factor_4sig_cutoff                   ? 
_pdbx_refine.free_R_val_test_set_size_perc_4sig_cutoff   ? 
_pdbx_refine.free_R_val_test_set_ct_4sig_cutoff          ? 
_pdbx_refine.number_reflns_obs_4sig_cutoff               ? 
_pdbx_refine.number_reflns_obs_no_cutoff                 ? 
_pdbx_refine.pdbx_refine_id                              'X-RAY DIFFRACTION' 
_pdbx_refine.free_R_error_no_cutoff                      ? 
# 
_struct.entry_id                  1KCI 
_struct.title                     
'Crystal Structure of 9-amino-N-[2-(4-morpholinyl)ethyl]-4-acridinecarboxamide Bound to d(CGTACG)2' 
_struct.pdbx_model_details        ? 
_struct.pdbx_CASP_flag            ? 
_struct.pdbx_model_type_details   ? 
# 
_struct_keywords.entry_id        1KCI 
_struct_keywords.pdbx_keywords   DNA 
_struct_keywords.text            'DNA, intercalator, aminoacridinecarboxamide' 
# 
loop_
_struct_asym.id 
_struct_asym.pdbx_blank_PDB_chainid_flag 
_struct_asym.pdbx_modified 
_struct_asym.entity_id 
_struct_asym.details 
A N N 1 ? 
B N N 2 ? 
C N N 2 ? 
D N N 3 ? 
# 
_struct_ref.id                         1 
_struct_ref.entity_id                  1 
_struct_ref.db_name                    PDB 
_struct_ref.db_code                    1KCI 
_struct_ref.pdbx_db_accession          1KCI 
_struct_ref.pdbx_db_isoform            ? 
_struct_ref.pdbx_seq_one_letter_code   ? 
_struct_ref.pdbx_align_begin           ? 
# 
_struct_ref_seq.align_id                      1 
_struct_ref_seq.ref_id                        1 
_struct_ref_seq.pdbx_PDB_id_code              1KCI 
_struct_ref_seq.pdbx_strand_id                A 
_struct_ref_seq.seq_align_beg                 1 
_struct_ref_seq.pdbx_seq_align_beg_ins_code   ? 
_struct_ref_seq.seq_align_end                 6 
_struct_ref_seq.pdbx_seq_align_end_ins_code   ? 
_struct_ref_seq.pdbx_db_accession             1KCI 
_struct_ref_seq.db_align_beg                  1001 
_struct_ref_seq.pdbx_db_align_beg_ins_code    ? 
_struct_ref_seq.db_align_end                  1006 
_struct_ref_seq.pdbx_db_align_end_ins_code    ? 
_struct_ref_seq.pdbx_auth_seq_align_beg       1001 
_struct_ref_seq.pdbx_auth_seq_align_end       1006 
# 
_pdbx_struct_assembly.id                   1 
_pdbx_struct_assembly.details              author_defined_assembly 
_pdbx_struct_assembly.method_details       ? 
_pdbx_struct_assembly.oligomeric_details   dimeric 
_pdbx_struct_assembly.oligomeric_count     2 
# 
_pdbx_struct_assembly_gen.assembly_id       1 
_pdbx_struct_assembly_gen.oper_expression   1,2 
_pdbx_struct_assembly_gen.asym_id_list      A,B,C,D 
# 
loop_
_pdbx_struct_oper_list.id 
_pdbx_struct_oper_list.type 
_pdbx_struct_oper_list.name 
_pdbx_struct_oper_list.symmetry_operation 
_pdbx_struct_oper_list.matrix[1][1] 
_pdbx_struct_oper_list.matrix[1][2] 
_pdbx_struct_oper_list.matrix[1][3] 
_pdbx_struct_oper_list.vector[1] 
_pdbx_struct_oper_list.matrix[2][1] 
_pdbx_struct_oper_list.matrix[2][2] 
_pdbx_struct_oper_list.matrix[2][3] 
_pdbx_struct_oper_list.vector[2] 
_pdbx_struct_oper_list.matrix[3][1] 
_pdbx_struct_oper_list.matrix[3][2] 
_pdbx_struct_oper_list.matrix[3][3] 
_pdbx_struct_oper_list.vector[3] 
1 'identity operation'         1_555 x,y,z     1.0000000000  0.0000000000  0.0000000000  0.0000000000 0.0000000000  1.0000000000  0.0000000000 0.0000000000 0.0000000000  0.0000000000 1.0000000000 0.0000000000 
2 'crystal symmetry operation' 4_655 -x+1,-y,z -0.9050925438 -0.2559221387 -0.3395752435 4.8270674001 -0.2559221387 -0.3098946730 0.9156796113 1.6104222401 -0.3395752435 0.9156796113 0.2149872168 0.1354102946 
# 
loop_
_struct_conn.id 
_struct_conn.conn_type_id 
_struct_conn.pdbx_leaving_atom_flag 
_struct_conn.pdbx_PDB_id 
_struct_conn.ptnr1_label_asym_id 
_struct_conn.ptnr1_label_comp_id 
_struct_conn.ptnr1_label_seq_id 
_struct_conn.ptnr1_label_atom_id 
_struct_conn.pdbx_ptnr1_label_alt_id 
_struct_conn.pdbx_ptnr1_PDB_ins_code 
_struct_conn.pdbx_ptnr1_standard_comp_id 
_struct_conn.ptnr1_symmetry 
_struct_conn.ptnr2_label_asym_id 
_struct_conn.ptnr2_label_comp_id 
_struct_conn.ptnr2_label_seq_id 
_struct_conn.ptnr2_label_atom_id 
_struct_conn.pdbx_ptnr2_label_alt_id 
_struct_conn.pdbx_ptnr2_PDB_ins_code 
_struct_conn.ptnr1_auth_asym_id 
_struct_conn.ptnr1_auth_comp_id 
_struct_conn.ptnr1_auth_seq_id 
_struct_conn.ptnr2_auth_asym_id 
_struct_conn.ptnr2_auth_comp_id 
_struct_conn.ptnr2_auth_seq_id 
_struct_conn.ptnr2_symmetry 
_struct_conn.pdbx_ptnr3_label_atom_id 
_struct_conn.pdbx_ptnr3_label_seq_id 
_struct_conn.pdbx_ptnr3_label_comp_id 
_struct_conn.pdbx_ptnr3_label_asym_id 
_struct_conn.pdbx_ptnr3_label_alt_id 
_struct_conn.pdbx_ptnr3_PDB_ins_code 
_struct_conn.details 
_struct_conn.pdbx_dist_value 
_struct_conn.pdbx_value_order 
_struct_conn.pdbx_role 
hydrog1  hydrog ? ? A DC 1 N3 ? ? ? 1_555 A DG 6 N1 ? ? A DC 1001 A DG 1006 4_655 ? ? ? ? ? ? WATSON-CRICK ? ? ? 
hydrog2  hydrog ? ? A DC 1 N4 ? ? ? 1_555 A DG 6 O6 ? ? A DC 1001 A DG 1006 4_655 ? ? ? ? ? ? WATSON-CRICK ? ? ? 
hydrog3  hydrog ? ? A DC 1 O2 ? ? ? 1_555 A DG 6 N2 ? ? A DC 1001 A DG 1006 4_655 ? ? ? ? ? ? WATSON-CRICK ? ? ? 
hydrog4  hydrog ? ? A DG 2 N1 ? ? ? 1_555 A DC 5 N3 ? ? A DG 1002 A DC 1005 4_655 ? ? ? ? ? ? WATSON-CRICK ? ? ? 
hydrog5  hydrog ? ? A DG 2 N2 ? ? ? 1_555 A DC 5 O2 ? ? A DG 1002 A DC 1005 4_655 ? ? ? ? ? ? WATSON-CRICK ? ? ? 
hydrog6  hydrog ? ? A DG 2 O6 ? ? ? 1_555 A DC 5 N4 ? ? A DG 1002 A DC 1005 4_655 ? ? ? ? ? ? WATSON-CRICK ? ? ? 
hydrog7  hydrog ? ? A DT 3 N3 ? ? ? 1_555 A DA 4 N1 ? ? A DT 1003 A DA 1004 4_655 ? ? ? ? ? ? WATSON-CRICK ? ? ? 
hydrog8  hydrog ? ? A DT 3 O4 ? ? ? 1_555 A DA 4 N6 ? ? A DT 1003 A DA 1004 4_655 ? ? ? ? ? ? WATSON-CRICK ? ? ? 
hydrog9  hydrog ? ? A DA 4 N1 ? ? ? 1_555 A DT 3 N3 ? ? A DA 1004 A DT 1003 4_655 ? ? ? ? ? ? WATSON-CRICK ? ? ? 
hydrog10 hydrog ? ? A DA 4 N6 ? ? ? 1_555 A DT 3 O4 ? ? A DA 1004 A DT 1003 4_655 ? ? ? ? ? ? WATSON-CRICK ? ? ? 
hydrog11 hydrog ? ? A DC 5 N3 ? ? ? 1_555 A DG 2 N1 ? ? A DC 1005 A DG 1002 4_655 ? ? ? ? ? ? WATSON-CRICK ? ? ? 
hydrog12 hydrog ? ? A DC 5 N4 ? ? ? 1_555 A DG 2 O6 ? ? A DC 1005 A DG 1002 4_655 ? ? ? ? ? ? WATSON-CRICK ? ? ? 
hydrog13 hydrog ? ? A DC 5 O2 ? ? ? 1_555 A DG 2 N2 ? ? A DC 1005 A DG 1002 4_655 ? ? ? ? ? ? WATSON-CRICK ? ? ? 
hydrog14 hydrog ? ? A DG 6 N1 ? ? ? 1_555 A DC 1 N3 ? ? A DG 1006 A DC 1001 4_655 ? ? ? ? ? ? WATSON-CRICK ? ? ? 
hydrog15 hydrog ? ? A DG 6 N2 ? ? ? 1_555 A DC 1 O2 ? ? A DG 1006 A DC 1001 4_655 ? ? ? ? ? ? WATSON-CRICK ? ? ? 
hydrog16 hydrog ? ? A DG 6 O6 ? ? ? 1_555 A DC 1 N4 ? ? A DG 1006 A DC 1001 4_655 ? ? ? ? ? ? WATSON-CRICK ? ? ? 
# 
_struct_conn_type.id          hydrog 
_struct_conn_type.criteria    ? 
_struct_conn_type.reference   ? 
# 
loop_
_struct_site.id 
_struct_site.pdbx_evidence_code 
_struct_site.pdbx_auth_asym_id 
_struct_site.pdbx_auth_comp_id 
_struct_site.pdbx_auth_seq_id 
_struct_site.pdbx_auth_ins_code 
_struct_site.pdbx_num_residues 
_struct_site.details 
AC1 Software A DRC 3014 ? 11 'BINDING SITE FOR RESIDUE DRC A 3014' 
AC2 Software A DRC 3015 ? 6  'BINDING SITE FOR RESIDUE DRC A 3015' 
1   ?        ? ?   ?    ? ?  ?                                     
# 
loop_
_struct_site_gen.id 
_struct_site_gen.site_id 
_struct_site_gen.pdbx_num_res 
_struct_site_gen.label_comp_id 
_struct_site_gen.label_asym_id 
_struct_site_gen.label_seq_id 
_struct_site_gen.pdbx_auth_ins_code 
_struct_site_gen.auth_comp_id 
_struct_site_gen.auth_asym_id 
_struct_site_gen.auth_seq_id 
_struct_site_gen.label_atom_id 
_struct_site_gen.label_alt_id 
_struct_site_gen.symmetry 
_struct_site_gen.details 
1  AC1 11 DC  A 1 ? DC  A 1001 . ? 1_555 ? 
2  AC1 11 DG  A 2 ? DG  A 1002 . ? 1_555 ? 
3  AC1 11 DG  A 2 ? DG  A 1002 . ? 3_664 ? 
4  AC1 11 DT  A 3 ? DT  A 1003 . ? 1_555 ? 
5  AC1 11 DA  A 4 ? DA  A 1004 . ? 2_655 ? 
6  AC1 11 DC  A 5 ? DC  A 1005 . ? 4_655 ? 
7  AC1 11 DG  A 6 ? DG  A 1006 . ? 4_655 ? 
8  AC1 11 DRC C . ? DRC A 3015 . ? 4_655 ? 
9  AC1 11 HOH D . ? HOH A 4016 . ? 2_655 ? 
10 AC1 11 HOH D . ? HOH A 4019 . ? 4_655 ? 
11 AC1 11 HOH D . ? HOH A 4019 . ? 1_555 ? 
12 AC2 6  DC  A 1 ? DC  A 1001 . ? 4_655 ? 
13 AC2 6  DC  A 1 ? DC  A 1001 . ? 1_445 ? 
14 AC2 6  DG  A 6 ? DG  A 1006 . ? 4_545 ? 
15 AC2 6  DG  A 6 ? DG  A 1006 . ? 1_555 ? 
16 AC2 6  DRC B . ? DRC A 3014 . ? 4_655 ? 
17 AC2 6  HOH D . ? HOH A 4011 . ? 1_555 ? 
# 
loop_
_pdbx_validate_rmsd_bond.id 
_pdbx_validate_rmsd_bond.PDB_model_num 
_pdbx_validate_rmsd_bond.auth_atom_id_1 
_pdbx_validate_rmsd_bond.auth_asym_id_1 
_pdbx_validate_rmsd_bond.auth_comp_id_1 
_pdbx_validate_rmsd_bond.auth_seq_id_1 
_pdbx_validate_rmsd_bond.PDB_ins_code_1 
_pdbx_validate_rmsd_bond.label_alt_id_1 
_pdbx_validate_rmsd_bond.auth_atom_id_2 
_pdbx_validate_rmsd_bond.auth_asym_id_2 
_pdbx_validate_rmsd_bond.auth_comp_id_2 
_pdbx_validate_rmsd_bond.auth_seq_id_2 
_pdbx_validate_rmsd_bond.PDB_ins_code_2 
_pdbx_validate_rmsd_bond.label_alt_id_2 
_pdbx_validate_rmsd_bond.bond_value 
_pdbx_validate_rmsd_bond.bond_target_value 
_pdbx_validate_rmsd_bond.bond_deviation 
_pdbx_validate_rmsd_bond.bond_standard_deviation 
_pdbx_validate_rmsd_bond.linker_flag 
1  1 "C2'" A DC 1001 ? ? "C1'" A DC 1001 ? ? 1.638 1.519 0.119  0.010 N 
2  1 "O4'" A DC 1001 ? ? "C1'" A DC 1001 ? ? 1.497 1.420 0.077  0.011 N 
3  1 "O3'" A DC 1001 ? ? "C3'" A DC 1001 ? ? 1.365 1.419 -0.054 0.006 N 
4  1 "O3'" A DC 1001 ? ? P     A DG 1002 ? ? 1.720 1.607 0.113  0.012 Y 
5  1 P     A DG 1002 ? ? "O5'" A DG 1002 ? ? 1.668 1.593 0.075  0.010 N 
6  1 "C2'" A DG 1002 ? ? "C1'" A DG 1002 ? ? 1.645 1.519 0.126  0.010 N 
7  1 "O3'" A DG 1002 ? ? "C3'" A DG 1002 ? ? 1.357 1.419 -0.062 0.006 N 
8  1 "O3'" A DG 1002 ? ? P     A DT 1003 ? ? 1.725 1.607 0.118  0.012 Y 
9  1 P     A DT 1003 ? ? "O5'" A DT 1003 ? ? 1.666 1.593 0.073  0.010 N 
10 1 "C2'" A DT 1003 ? ? "C1'" A DT 1003 ? ? 1.661 1.519 0.142  0.010 N 
11 1 "O3'" A DT 1003 ? ? "C3'" A DT 1003 ? ? 1.349 1.419 -0.070 0.006 N 
12 1 "O3'" A DT 1003 ? ? P     A DA 1004 ? ? 1.717 1.607 0.110  0.012 Y 
13 1 P     A DA 1004 ? ? "O5'" A DA 1004 ? ? 1.673 1.593 0.080  0.010 N 
14 1 "C2'" A DA 1004 ? ? "C1'" A DA 1004 ? ? 1.641 1.519 0.122  0.010 N 
15 1 "O3'" A DA 1004 ? ? "C3'" A DA 1004 ? ? 1.362 1.419 -0.057 0.006 N 
16 1 "O3'" A DA 1004 ? ? P     A DC 1005 ? ? 1.739 1.607 0.132  0.012 Y 
17 1 P     A DC 1005 ? ? "O5'" A DC 1005 ? ? 1.660 1.593 0.067  0.010 N 
18 1 "C2'" A DC 1005 ? ? "C1'" A DC 1005 ? ? 1.659 1.519 0.140  0.010 N 
19 1 "O3'" A DC 1005 ? ? "C3'" A DC 1005 ? ? 1.367 1.419 -0.052 0.006 N 
20 1 "O3'" A DC 1005 ? ? P     A DG 1006 ? ? 1.737 1.607 0.130  0.012 Y 
21 1 P     A DG 1006 ? ? "O5'" A DG 1006 ? ? 1.660 1.593 0.067  0.010 N 
22 1 "C2'" A DG 1006 ? ? "C1'" A DG 1006 ? ? 1.647 1.519 0.128  0.010 N 
23 1 "O3'" A DG 1006 ? ? "C3'" A DG 1006 ? ? 1.363 1.419 -0.056 0.006 N 
# 
loop_
_pdbx_validate_rmsd_angle.id 
_pdbx_validate_rmsd_angle.PDB_model_num 
_pdbx_validate_rmsd_angle.auth_atom_id_1 
_pdbx_validate_rmsd_angle.auth_asym_id_1 
_pdbx_validate_rmsd_angle.auth_comp_id_1 
_pdbx_validate_rmsd_angle.auth_seq_id_1 
_pdbx_validate_rmsd_angle.PDB_ins_code_1 
_pdbx_validate_rmsd_angle.label_alt_id_1 
_pdbx_validate_rmsd_angle.auth_atom_id_2 
_pdbx_validate_rmsd_angle.auth_asym_id_2 
_pdbx_validate_rmsd_angle.auth_comp_id_2 
_pdbx_validate_rmsd_angle.auth_seq_id_2 
_pdbx_validate_rmsd_angle.PDB_ins_code_2 
_pdbx_validate_rmsd_angle.label_alt_id_2 
_pdbx_validate_rmsd_angle.auth_atom_id_3 
_pdbx_validate_rmsd_angle.auth_asym_id_3 
_pdbx_validate_rmsd_angle.auth_comp_id_3 
_pdbx_validate_rmsd_angle.auth_seq_id_3 
_pdbx_validate_rmsd_angle.PDB_ins_code_3 
_pdbx_validate_rmsd_angle.label_alt_id_3 
_pdbx_validate_rmsd_angle.angle_value 
_pdbx_validate_rmsd_angle.angle_target_value 
_pdbx_validate_rmsd_angle.angle_deviation 
_pdbx_validate_rmsd_angle.angle_standard_deviation 
_pdbx_validate_rmsd_angle.linker_flag 
1  1 "O5'" A DC 1001 ? ? "C5'" A DC 1001 ? ? "C4'" A DC 1001 ? ? 102.90 109.40 -6.50  0.80 N 
2  1 "C5'" A DC 1001 ? ? "C4'" A DC 1001 ? ? "O4'" A DC 1001 ? ? 117.70 109.80 7.90   1.10 N 
3  1 "C4'" A DC 1001 ? ? "C3'" A DC 1001 ? ? "C2'" A DC 1001 ? ? 112.46 103.10 9.36   0.90 N 
4  1 "C3'" A DC 1001 ? ? "C2'" A DC 1001 ? ? "C1'" A DC 1001 ? ? 95.51  102.40 -6.89  0.80 N 
5  1 "O4'" A DC 1001 ? ? "C1'" A DC 1001 ? ? "C2'" A DC 1001 ? ? 111.57 106.80 4.77   0.50 N 
6  1 "O4'" A DC 1001 ? ? "C1'" A DC 1001 ? ? N1    A DC 1001 ? ? 103.21 108.00 -4.79  0.70 N 
7  1 "O5'" A DG 1002 ? ? "C5'" A DG 1002 ? ? "C4'" A DG 1002 ? ? 99.45  109.40 -9.95  0.80 N 
8  1 P     A DG 1002 ? ? "O5'" A DG 1002 ? ? "C5'" A DG 1002 ? ? 109.23 120.90 -11.67 1.60 N 
9  1 "C5'" A DG 1002 ? ? "C4'" A DG 1002 ? ? "O4'" A DG 1002 ? ? 119.12 109.80 9.32   1.10 N 
10 1 "C4'" A DG 1002 ? ? "C3'" A DG 1002 ? ? "C2'" A DG 1002 ? ? 110.96 103.10 7.86   0.90 N 
11 1 "C3'" A DG 1002 ? ? "C2'" A DG 1002 ? ? "C1'" A DG 1002 ? ? 95.86  102.40 -6.54  0.80 N 
12 1 "O4'" A DG 1002 ? ? "C1'" A DG 1002 ? ? "C2'" A DG 1002 ? ? 110.78 106.80 3.98   0.50 N 
13 1 "O5'" A DT 1003 ? ? "C5'" A DT 1003 ? ? "C4'" A DT 1003 ? ? 98.62  109.40 -10.78 0.80 N 
14 1 P     A DT 1003 ? ? "O5'" A DT 1003 ? ? "C5'" A DT 1003 ? ? 105.93 120.90 -14.97 1.60 N 
15 1 "C5'" A DT 1003 ? ? "C4'" A DT 1003 ? ? "O4'" A DT 1003 ? ? 116.85 109.80 7.05   1.10 N 
16 1 "C4'" A DT 1003 ? ? "C3'" A DT 1003 ? ? "C2'" A DT 1003 ? ? 110.09 103.10 6.99   0.90 N 
17 1 "C3'" A DT 1003 ? ? "C2'" A DT 1003 ? ? "C1'" A DT 1003 ? ? 91.21  102.40 -11.19 0.80 N 
18 1 "O4'" A DT 1003 ? ? "C1'" A DT 1003 ? ? "C2'" A DT 1003 ? ? 109.93 106.80 3.13   0.50 N 
19 1 "C3'" A DT 1003 ? ? "O3'" A DT 1003 ? ? P     A DA 1004 ? ? 131.21 119.70 11.51  1.20 Y 
20 1 "O5'" A DA 1004 ? ? "C5'" A DA 1004 ? ? "C4'" A DA 1004 ? ? 99.86  109.40 -9.54  0.80 N 
21 1 "C5'" A DA 1004 ? ? "C4'" A DA 1004 ? ? "O4'" A DA 1004 ? ? 117.00 109.80 7.20   1.10 N 
22 1 "C4'" A DA 1004 ? ? "C3'" A DA 1004 ? ? "C2'" A DA 1004 ? ? 111.17 103.10 8.07   0.90 N 
23 1 "C3'" A DA 1004 ? ? "C2'" A DA 1004 ? ? "C1'" A DA 1004 ? ? 94.97  102.40 -7.43  0.80 N 
24 1 "O4'" A DA 1004 ? ? "C1'" A DA 1004 ? ? "C2'" A DA 1004 ? ? 111.75 106.80 4.95   0.50 N 
25 1 "O5'" A DC 1005 ? ? "C5'" A DC 1005 ? ? "C4'" A DC 1005 ? ? 100.75 109.40 -8.65  0.80 N 
26 1 P     A DC 1005 ? ? "O5'" A DC 1005 ? ? "C5'" A DC 1005 ? ? 110.65 120.90 -10.25 1.60 N 
27 1 "C5'" A DC 1005 ? ? "C4'" A DC 1005 ? ? "O4'" A DC 1005 ? ? 117.24 109.80 7.44   1.10 N 
28 1 "C4'" A DC 1005 ? ? "C3'" A DC 1005 ? ? "C2'" A DC 1005 ? ? 111.18 103.10 8.08   0.90 N 
29 1 "C3'" A DC 1005 ? ? "C2'" A DC 1005 ? ? "C1'" A DC 1005 ? ? 92.58  102.40 -9.82  0.80 N 
30 1 "O5'" A DG 1006 ? ? "C5'" A DG 1006 ? ? "C4'" A DG 1006 ? ? 100.17 109.40 -9.23  0.80 N 
31 1 P     A DG 1006 ? ? "O5'" A DG 1006 ? ? "C5'" A DG 1006 ? ? 105.46 120.90 -15.44 1.60 N 
32 1 "C4'" A DG 1006 ? ? "C3'" A DG 1006 ? ? "C2'" A DG 1006 ? ? 110.44 103.10 7.34   0.90 N 
33 1 "C3'" A DG 1006 ? ? "C2'" A DG 1006 ? ? "C1'" A DG 1006 ? ? 94.07  102.40 -8.33  0.80 N 
34 1 "O4'" A DG 1006 ? ? "C1'" A DG 1006 ? ? "C2'" A DG 1006 ? ? 113.01 106.80 6.21   0.50 N 
# 
_struct_site_keywords.site_id   1 
_struct_site_keywords.text      INTERCALATION 
# 
loop_
_pdbx_struct_special_symmetry.id 
_pdbx_struct_special_symmetry.PDB_model_num 
_pdbx_struct_special_symmetry.auth_asym_id 
_pdbx_struct_special_symmetry.auth_comp_id 
_pdbx_struct_special_symmetry.auth_seq_id 
_pdbx_struct_special_symmetry.PDB_ins_code 
_pdbx_struct_special_symmetry.label_asym_id 
_pdbx_struct_special_symmetry.label_comp_id 
_pdbx_struct_special_symmetry.label_seq_id 
1 1 A HOH 4009 ? D HOH . 
2 1 A HOH 4019 ? D HOH . 
3 1 A HOH 4020 ? D HOH . 
# 
loop_
_chem_comp_atom.comp_id 
_chem_comp_atom.atom_id 
_chem_comp_atom.type_symbol 
_chem_comp_atom.pdbx_aromatic_flag 
_chem_comp_atom.pdbx_stereo_config 
_chem_comp_atom.pdbx_ordinal 
DA  OP3    O N N 1   
DA  P      P N N 2   
DA  OP1    O N N 3   
DA  OP2    O N N 4   
DA  "O5'"  O N N 5   
DA  "C5'"  C N N 6   
DA  "C4'"  C N R 7   
DA  "O4'"  O N N 8   
DA  "C3'"  C N S 9   
DA  "O3'"  O N N 10  
DA  "C2'"  C N N 11  
DA  "C1'"  C N R 12  
DA  N9     N Y N 13  
DA  C8     C Y N 14  
DA  N7     N Y N 15  
DA  C5     C Y N 16  
DA  C6     C Y N 17  
DA  N6     N N N 18  
DA  N1     N Y N 19  
DA  C2     C Y N 20  
DA  N3     N Y N 21  
DA  C4     C Y N 22  
DA  HOP3   H N N 23  
DA  HOP2   H N N 24  
DA  "H5'"  H N N 25  
DA  "H5''" H N N 26  
DA  "H4'"  H N N 27  
DA  "H3'"  H N N 28  
DA  "HO3'" H N N 29  
DA  "H2'"  H N N 30  
DA  "H2''" H N N 31  
DA  "H1'"  H N N 32  
DA  H8     H N N 33  
DA  H61    H N N 34  
DA  H62    H N N 35  
DA  H2     H N N 36  
DC  OP3    O N N 37  
DC  P      P N N 38  
DC  OP1    O N N 39  
DC  OP2    O N N 40  
DC  "O5'"  O N N 41  
DC  "C5'"  C N N 42  
DC  "C4'"  C N R 43  
DC  "O4'"  O N N 44  
DC  "C3'"  C N S 45  
DC  "O3'"  O N N 46  
DC  "C2'"  C N N 47  
DC  "C1'"  C N R 48  
DC  N1     N N N 49  
DC  C2     C N N 50  
DC  O2     O N N 51  
DC  N3     N N N 52  
DC  C4     C N N 53  
DC  N4     N N N 54  
DC  C5     C N N 55  
DC  C6     C N N 56  
DC  HOP3   H N N 57  
DC  HOP2   H N N 58  
DC  "H5'"  H N N 59  
DC  "H5''" H N N 60  
DC  "H4'"  H N N 61  
DC  "H3'"  H N N 62  
DC  "HO3'" H N N 63  
DC  "H2'"  H N N 64  
DC  "H2''" H N N 65  
DC  "H1'"  H N N 66  
DC  H41    H N N 67  
DC  H42    H N N 68  
DC  H5     H N N 69  
DC  H6     H N N 70  
DG  OP3    O N N 71  
DG  P      P N N 72  
DG  OP1    O N N 73  
DG  OP2    O N N 74  
DG  "O5'"  O N N 75  
DG  "C5'"  C N N 76  
DG  "C4'"  C N R 77  
DG  "O4'"  O N N 78  
DG  "C3'"  C N S 79  
DG  "O3'"  O N N 80  
DG  "C2'"  C N N 81  
DG  "C1'"  C N R 82  
DG  N9     N Y N 83  
DG  C8     C Y N 84  
DG  N7     N Y N 85  
DG  C5     C Y N 86  
DG  C6     C N N 87  
DG  O6     O N N 88  
DG  N1     N N N 89  
DG  C2     C N N 90  
DG  N2     N N N 91  
DG  N3     N N N 92  
DG  C4     C Y N 93  
DG  HOP3   H N N 94  
DG  HOP2   H N N 95  
DG  "H5'"  H N N 96  
DG  "H5''" H N N 97  
DG  "H4'"  H N N 98  
DG  "H3'"  H N N 99  
DG  "HO3'" H N N 100 
DG  "H2'"  H N N 101 
DG  "H2''" H N N 102 
DG  "H1'"  H N N 103 
DG  H8     H N N 104 
DG  H1     H N N 105 
DG  H21    H N N 106 
DG  H22    H N N 107 
DRC O24    O N N 108 
DRC C20    C N N 109 
DRC C21    C N N 110 
DRC C22    C N N 111 
DRC C23    C N N 112 
DRC N19    N N N 113 
DRC C18    C N N 114 
DRC C17    C N N 115 
DRC N16    N N N 116 
DRC C15    C N N 117 
DRC O15    O N N 118 
DRC N9     N N N 119 
DRC C4     C Y N 120 
DRC C3     C Y N 121 
DRC C2     C Y N 122 
DRC C1     C Y N 123 
DRC C11    C Y N 124 
DRC C12    C Y N 125 
DRC C9     C Y N 126 
DRC C13    C Y N 127 
DRC C14    C Y N 128 
DRC N10    N Y N 129 
DRC C8     C Y N 130 
DRC C7     C Y N 131 
DRC C6     C Y N 132 
DRC C5     C Y N 133 
DRC H201   H N N 134 
DRC H202   H N N 135 
DRC H211   H N N 136 
DRC H212   H N N 137 
DRC H221   H N N 138 
DRC H222   H N N 139 
DRC H231   H N N 140 
DRC H232   H N N 141 
DRC H181   H N N 142 
DRC H182   H N N 143 
DRC H171   H N N 144 
DRC H172   H N N 145 
DRC H16    H N N 146 
DRC HN91   H N N 147 
DRC HN92   H N N 148 
DRC HC3    H N N 149 
DRC HC2    H N N 150 
DRC HC1    H N N 151 
DRC HC8    H N N 152 
DRC HC7    H N N 153 
DRC HC6    H N N 154 
DRC HC5    H N N 155 
DT  OP3    O N N 156 
DT  P      P N N 157 
DT  OP1    O N N 158 
DT  OP2    O N N 159 
DT  "O5'"  O N N 160 
DT  "C5'"  C N N 161 
DT  "C4'"  C N R 162 
DT  "O4'"  O N N 163 
DT  "C3'"  C N S 164 
DT  "O3'"  O N N 165 
DT  "C2'"  C N N 166 
DT  "C1'"  C N R 167 
DT  N1     N N N 168 
DT  C2     C N N 169 
DT  O2     O N N 170 
DT  N3     N N N 171 
DT  C4     C N N 172 
DT  O4     O N N 173 
DT  C5     C N N 174 
DT  C7     C N N 175 
DT  C6     C N N 176 
DT  HOP3   H N N 177 
DT  HOP2   H N N 178 
DT  "H5'"  H N N 179 
DT  "H5''" H N N 180 
DT  "H4'"  H N N 181 
DT  "H3'"  H N N 182 
DT  "HO3'" H N N 183 
DT  "H2'"  H N N 184 
DT  "H2''" H N N 185 
DT  "H1'"  H N N 186 
DT  H3     H N N 187 
DT  H71    H N N 188 
DT  H72    H N N 189 
DT  H73    H N N 190 
DT  H6     H N N 191 
HOH O      O N N 192 
HOH H1     H N N 193 
HOH H2     H N N 194 
# 
loop_
_chem_comp_bond.comp_id 
_chem_comp_bond.atom_id_1 
_chem_comp_bond.atom_id_2 
_chem_comp_bond.value_order 
_chem_comp_bond.pdbx_aromatic_flag 
_chem_comp_bond.pdbx_stereo_config 
_chem_comp_bond.pdbx_ordinal 
DA  OP3   P      sing N N 1   
DA  OP3   HOP3   sing N N 2   
DA  P     OP1    doub N N 3   
DA  P     OP2    sing N N 4   
DA  P     "O5'"  sing N N 5   
DA  OP2   HOP2   sing N N 6   
DA  "O5'" "C5'"  sing N N 7   
DA  "C5'" "C4'"  sing N N 8   
DA  "C5'" "H5'"  sing N N 9   
DA  "C5'" "H5''" sing N N 10  
DA  "C4'" "O4'"  sing N N 11  
DA  "C4'" "C3'"  sing N N 12  
DA  "C4'" "H4'"  sing N N 13  
DA  "O4'" "C1'"  sing N N 14  
DA  "C3'" "O3'"  sing N N 15  
DA  "C3'" "C2'"  sing N N 16  
DA  "C3'" "H3'"  sing N N 17  
DA  "O3'" "HO3'" sing N N 18  
DA  "C2'" "C1'"  sing N N 19  
DA  "C2'" "H2'"  sing N N 20  
DA  "C2'" "H2''" sing N N 21  
DA  "C1'" N9     sing N N 22  
DA  "C1'" "H1'"  sing N N 23  
DA  N9    C8     sing Y N 24  
DA  N9    C4     sing Y N 25  
DA  C8    N7     doub Y N 26  
DA  C8    H8     sing N N 27  
DA  N7    C5     sing Y N 28  
DA  C5    C6     sing Y N 29  
DA  C5    C4     doub Y N 30  
DA  C6    N6     sing N N 31  
DA  C6    N1     doub Y N 32  
DA  N6    H61    sing N N 33  
DA  N6    H62    sing N N 34  
DA  N1    C2     sing Y N 35  
DA  C2    N3     doub Y N 36  
DA  C2    H2     sing N N 37  
DA  N3    C4     sing Y N 38  
DC  OP3   P      sing N N 39  
DC  OP3   HOP3   sing N N 40  
DC  P     OP1    doub N N 41  
DC  P     OP2    sing N N 42  
DC  P     "O5'"  sing N N 43  
DC  OP2   HOP2   sing N N 44  
DC  "O5'" "C5'"  sing N N 45  
DC  "C5'" "C4'"  sing N N 46  
DC  "C5'" "H5'"  sing N N 47  
DC  "C5'" "H5''" sing N N 48  
DC  "C4'" "O4'"  sing N N 49  
DC  "C4'" "C3'"  sing N N 50  
DC  "C4'" "H4'"  sing N N 51  
DC  "O4'" "C1'"  sing N N 52  
DC  "C3'" "O3'"  sing N N 53  
DC  "C3'" "C2'"  sing N N 54  
DC  "C3'" "H3'"  sing N N 55  
DC  "O3'" "HO3'" sing N N 56  
DC  "C2'" "C1'"  sing N N 57  
DC  "C2'" "H2'"  sing N N 58  
DC  "C2'" "H2''" sing N N 59  
DC  "C1'" N1     sing N N 60  
DC  "C1'" "H1'"  sing N N 61  
DC  N1    C2     sing N N 62  
DC  N1    C6     sing N N 63  
DC  C2    O2     doub N N 64  
DC  C2    N3     sing N N 65  
DC  N3    C4     doub N N 66  
DC  C4    N4     sing N N 67  
DC  C4    C5     sing N N 68  
DC  N4    H41    sing N N 69  
DC  N4    H42    sing N N 70  
DC  C5    C6     doub N N 71  
DC  C5    H5     sing N N 72  
DC  C6    H6     sing N N 73  
DG  OP3   P      sing N N 74  
DG  OP3   HOP3   sing N N 75  
DG  P     OP1    doub N N 76  
DG  P     OP2    sing N N 77  
DG  P     "O5'"  sing N N 78  
DG  OP2   HOP2   sing N N 79  
DG  "O5'" "C5'"  sing N N 80  
DG  "C5'" "C4'"  sing N N 81  
DG  "C5'" "H5'"  sing N N 82  
DG  "C5'" "H5''" sing N N 83  
DG  "C4'" "O4'"  sing N N 84  
DG  "C4'" "C3'"  sing N N 85  
DG  "C4'" "H4'"  sing N N 86  
DG  "O4'" "C1'"  sing N N 87  
DG  "C3'" "O3'"  sing N N 88  
DG  "C3'" "C2'"  sing N N 89  
DG  "C3'" "H3'"  sing N N 90  
DG  "O3'" "HO3'" sing N N 91  
DG  "C2'" "C1'"  sing N N 92  
DG  "C2'" "H2'"  sing N N 93  
DG  "C2'" "H2''" sing N N 94  
DG  "C1'" N9     sing N N 95  
DG  "C1'" "H1'"  sing N N 96  
DG  N9    C8     sing Y N 97  
DG  N9    C4     sing Y N 98  
DG  C8    N7     doub Y N 99  
DG  C8    H8     sing N N 100 
DG  N7    C5     sing Y N 101 
DG  C5    C6     sing N N 102 
DG  C5    C4     doub Y N 103 
DG  C6    O6     doub N N 104 
DG  C6    N1     sing N N 105 
DG  N1    C2     sing N N 106 
DG  N1    H1     sing N N 107 
DG  C2    N2     sing N N 108 
DG  C2    N3     doub N N 109 
DG  N2    H21    sing N N 110 
DG  N2    H22    sing N N 111 
DG  N3    C4     sing N N 112 
DRC O24   C21    sing N N 113 
DRC O24   C23    sing N N 114 
DRC C20   C21    sing N N 115 
DRC C20   N19    sing N N 116 
DRC C20   H201   sing N N 117 
DRC C20   H202   sing N N 118 
DRC C21   H211   sing N N 119 
DRC C21   H212   sing N N 120 
DRC C22   C23    sing N N 121 
DRC C22   N19    sing N N 122 
DRC C22   H221   sing N N 123 
DRC C22   H222   sing N N 124 
DRC C23   H231   sing N N 125 
DRC C23   H232   sing N N 126 
DRC N19   C18    sing N N 127 
DRC C18   C17    sing N N 128 
DRC C18   H181   sing N N 129 
DRC C18   H182   sing N N 130 
DRC C17   N16    sing N N 131 
DRC C17   H171   sing N N 132 
DRC C17   H172   sing N N 133 
DRC N16   C15    sing N N 134 
DRC N16   H16    sing N N 135 
DRC C15   O15    doub N N 136 
DRC C15   C4     sing N N 137 
DRC N9    C9     sing N N 138 
DRC N9    HN91   sing N N 139 
DRC N9    HN92   sing N N 140 
DRC C4    C3     doub Y N 141 
DRC C4    C12    sing Y N 142 
DRC C3    C2     sing Y N 143 
DRC C3    HC3    sing N N 144 
DRC C2    C1     doub Y N 145 
DRC C2    HC2    sing N N 146 
DRC C1    C11    sing Y N 147 
DRC C1    HC1    sing N N 148 
DRC C11   C12    doub Y N 149 
DRC C11   C9     sing Y N 150 
DRC C12   N10    sing Y N 151 
DRC C9    C13    doub Y N 152 
DRC C13   C14    sing Y N 153 
DRC C13   C8     sing Y N 154 
DRC C14   N10    doub Y N 155 
DRC C14   C5     sing Y N 156 
DRC C8    C7     doub Y N 157 
DRC C8    HC8    sing N N 158 
DRC C7    C6     sing Y N 159 
DRC C7    HC7    sing N N 160 
DRC C6    C5     doub Y N 161 
DRC C6    HC6    sing N N 162 
DRC C5    HC5    sing N N 163 
DT  OP3   P      sing N N 164 
DT  OP3   HOP3   sing N N 165 
DT  P     OP1    doub N N 166 
DT  P     OP2    sing N N 167 
DT  P     "O5'"  sing N N 168 
DT  OP2   HOP2   sing N N 169 
DT  "O5'" "C5'"  sing N N 170 
DT  "C5'" "C4'"  sing N N 171 
DT  "C5'" "H5'"  sing N N 172 
DT  "C5'" "H5''" sing N N 173 
DT  "C4'" "O4'"  sing N N 174 
DT  "C4'" "C3'"  sing N N 175 
DT  "C4'" "H4'"  sing N N 176 
DT  "O4'" "C1'"  sing N N 177 
DT  "C3'" "O3'"  sing N N 178 
DT  "C3'" "C2'"  sing N N 179 
DT  "C3'" "H3'"  sing N N 180 
DT  "O3'" "HO3'" sing N N 181 
DT  "C2'" "C1'"  sing N N 182 
DT  "C2'" "H2'"  sing N N 183 
DT  "C2'" "H2''" sing N N 184 
DT  "C1'" N1     sing N N 185 
DT  "C1'" "H1'"  sing N N 186 
DT  N1    C2     sing N N 187 
DT  N1    C6     sing N N 188 
DT  C2    O2     doub N N 189 
DT  C2    N3     sing N N 190 
DT  N3    C4     sing N N 191 
DT  N3    H3     sing N N 192 
DT  C4    O4     doub N N 193 
DT  C4    C5     sing N N 194 
DT  C5    C7     sing N N 195 
DT  C5    C6     doub N N 196 
DT  C7    H71    sing N N 197 
DT  C7    H72    sing N N 198 
DT  C7    H73    sing N N 199 
DT  C6    H6     sing N N 200 
HOH O     H1     sing N N 201 
HOH O     H2     sing N N 202 
# 
_ndb_struct_conf_na.entry_id   1KCI 
_ndb_struct_conf_na.feature    'b-form double helix' 
# 
loop_
_ndb_struct_na_base_pair.model_number 
_ndb_struct_na_base_pair.i_label_asym_id 
_ndb_struct_na_base_pair.i_label_comp_id 
_ndb_struct_na_base_pair.i_label_seq_id 
_ndb_struct_na_base_pair.i_symmetry 
_ndb_struct_na_base_pair.j_label_asym_id 
_ndb_struct_na_base_pair.j_label_comp_id 
_ndb_struct_na_base_pair.j_label_seq_id 
_ndb_struct_na_base_pair.j_symmetry 
_ndb_struct_na_base_pair.shear 
_ndb_struct_na_base_pair.stretch 
_ndb_struct_na_base_pair.stagger 
_ndb_struct_na_base_pair.buckle 
_ndb_struct_na_base_pair.propeller 
_ndb_struct_na_base_pair.opening 
_ndb_struct_na_base_pair.pair_number 
_ndb_struct_na_base_pair.pair_name 
_ndb_struct_na_base_pair.i_auth_asym_id 
_ndb_struct_na_base_pair.i_auth_seq_id 
_ndb_struct_na_base_pair.i_PDB_ins_code 
_ndb_struct_na_base_pair.j_auth_asym_id 
_ndb_struct_na_base_pair.j_auth_seq_id 
_ndb_struct_na_base_pair.j_PDB_ins_code 
_ndb_struct_na_base_pair.hbond_type_28 
_ndb_struct_na_base_pair.hbond_type_12 
1 A DC 1 1_555 A DG 6 4_655 -0.068 -0.125 0.020  2.482  -12.144 -2.502 1 A_DC1001:DG1006_A A 1001 ? A 1006 ? 19 1 
1 A DG 2 1_555 A DC 5 4_655 -0.211 -0.102 -0.089 -6.840 -2.296  1.355  2 A_DG1002:DC1005_A A 1002 ? A 1005 ? 19 1 
1 A DT 3 1_555 A DA 4 4_655 -0.043 -0.158 -0.027 2.803  -11.915 -3.608 3 A_DT1003:DA1004_A A 1003 ? A 1004 ? 20 1 
1 A DA 4 1_555 A DT 3 4_655 0.043  -0.158 -0.027 -2.803 -11.915 -3.608 4 A_DA1004:DT1003_A A 1004 ? A 1003 ? 20 1 
1 A DC 5 1_555 A DG 2 4_655 0.211  -0.102 -0.089 6.840  -2.296  1.355  5 A_DC1005:DG1002_A A 1005 ? A 1002 ? 19 1 
1 A DG 6 1_555 A DC 1 4_655 0.068  -0.125 0.020  -2.482 -12.144 -2.502 6 A_DG1006:DC1001_A A 1006 ? A 1001 ? 19 1 
# 
loop_
_ndb_struct_na_base_pair_step.model_number 
_ndb_struct_na_base_pair_step.i_label_asym_id_1 
_ndb_struct_na_base_pair_step.i_label_comp_id_1 
_ndb_struct_na_base_pair_step.i_label_seq_id_1 
_ndb_struct_na_base_pair_step.i_symmetry_1 
_ndb_struct_na_base_pair_step.j_label_asym_id_1 
_ndb_struct_na_base_pair_step.j_label_comp_id_1 
_ndb_struct_na_base_pair_step.j_label_seq_id_1 
_ndb_struct_na_base_pair_step.j_symmetry_1 
_ndb_struct_na_base_pair_step.i_label_asym_id_2 
_ndb_struct_na_base_pair_step.i_label_comp_id_2 
_ndb_struct_na_base_pair_step.i_label_seq_id_2 
_ndb_struct_na_base_pair_step.i_symmetry_2 
_ndb_struct_na_base_pair_step.j_label_asym_id_2 
_ndb_struct_na_base_pair_step.j_label_comp_id_2 
_ndb_struct_na_base_pair_step.j_label_seq_id_2 
_ndb_struct_na_base_pair_step.j_symmetry_2 
_ndb_struct_na_base_pair_step.shift 
_ndb_struct_na_base_pair_step.slide 
_ndb_struct_na_base_pair_step.rise 
_ndb_struct_na_base_pair_step.tilt 
_ndb_struct_na_base_pair_step.roll 
_ndb_struct_na_base_pair_step.twist 
_ndb_struct_na_base_pair_step.x_displacement 
_ndb_struct_na_base_pair_step.y_displacement 
_ndb_struct_na_base_pair_step.helical_rise 
_ndb_struct_na_base_pair_step.inclination 
_ndb_struct_na_base_pair_step.tip 
_ndb_struct_na_base_pair_step.helical_twist 
_ndb_struct_na_base_pair_step.step_number 
_ndb_struct_na_base_pair_step.step_name 
_ndb_struct_na_base_pair_step.i_auth_asym_id_1 
_ndb_struct_na_base_pair_step.i_auth_seq_id_1 
_ndb_struct_na_base_pair_step.i_PDB_ins_code_1 
_ndb_struct_na_base_pair_step.j_auth_asym_id_1 
_ndb_struct_na_base_pair_step.j_auth_seq_id_1 
_ndb_struct_na_base_pair_step.j_PDB_ins_code_1 
_ndb_struct_na_base_pair_step.i_auth_asym_id_2 
_ndb_struct_na_base_pair_step.i_auth_seq_id_2 
_ndb_struct_na_base_pair_step.i_PDB_ins_code_2 
_ndb_struct_na_base_pair_step.j_auth_asym_id_2 
_ndb_struct_na_base_pair_step.j_auth_seq_id_2 
_ndb_struct_na_base_pair_step.j_PDB_ins_code_2 
1 A DC 1 1_555 A DG 6 4_655 A DG 2 1_555 A DC 5 4_655 0.519  0.576  6.958 -0.791 3.380  24.718 -0.824 -1.705 6.953 7.847  1.836  
24.957 1 AA_DC1001DG1002:DC1005DG1006_AA A 1001 ? A 1006 ? A 1002 ? A 1005 ? 
1 A DG 2 1_555 A DC 5 4_655 A DT 3 1_555 A DA 4 4_655 -0.730 -0.071 3.091 -0.150 3.081  28.415 -0.804 1.446  3.070 6.253  0.304  
28.579 2 AA_DG1002DT1003:DA1004DC1005_AA A 1002 ? A 1005 ? A 1003 ? A 1004 ? 
1 A DT 3 1_555 A DA 4 4_655 A DA 4 1_555 A DT 3 4_655 0.000  1.714  3.352 0.000  -4.743 47.819 2.479  0.000  3.178 -5.835 0.000  
48.040 3 AA_DT1003DA1004:DT1003DA1004_AA A 1003 ? A 1004 ? A 1004 ? A 1003 ? 
1 A DA 4 1_555 A DT 3 4_655 A DC 5 1_555 A DG 2 4_655 0.730  -0.071 3.091 0.150  3.081  28.415 -0.804 -1.446 3.070 6.253  -0.304 
28.579 4 AA_DA1004DC1005:DG1002DT1003_AA A 1004 ? A 1003 ? A 1005 ? A 1002 ? 
1 A DC 5 1_555 A DG 2 4_655 A DG 6 1_555 A DC 1 4_655 -0.519 0.576  6.958 0.791  3.380  24.718 -0.824 1.705  6.953 7.847  -1.836 
24.957 5 AA_DC1005DG1006:DC1001DG1002_AA A 1005 ? A 1002 ? A 1006 ? A 1001 ? 
# 
_pdbx_initial_refinement_model.accession_code   465D 
_pdbx_initial_refinement_model.id               1 
_pdbx_initial_refinement_model.entity_id_list   ? 
_pdbx_initial_refinement_model.type             'experimental model' 
_pdbx_initial_refinement_model.source_name      PDB 
_pdbx_initial_refinement_model.details          'NDB entry DD0015' 
# 
_atom_sites.entry_id                    1KCI 
_atom_sites.fract_transf_matrix[1][1]   0.02585623 
_atom_sites.fract_transf_matrix[1][2]   0.02543582 
_atom_sites.fract_transf_matrix[1][3]   -0.01194327 
_atom_sites.fract_transf_matrix[2][1]   -0.01031667 
_atom_sites.fract_transf_matrix[2][2]   0.02791767 
_atom_sites.fract_transf_matrix[2][3]   -0.02392365 
_atom_sites.fract_transf_matrix[3][1]   -0.00553724 
_atom_sites.fract_transf_matrix[3][2]   0.01493142 
_atom_sites.fract_transf_matrix[3][3]   0.01981205 
_atom_sites.fract_transf_vector[1]      0.417924 
_atom_sites.fract_transf_vector[2]      0.004040 
_atom_sites.fract_transf_vector[3]      0.478573 
# 
loop_
_atom_type.symbol 
C 
N 
O 
P 
# 
loop_
_atom_site.group_PDB 
_atom_site.id 
_atom_site.type_symbol 
_atom_site.label_atom_id 
_atom_site.label_alt_id 
_atom_site.label_comp_id 
_atom_site.label_asym_id 
_atom_site.label_entity_id 
_atom_site.label_seq_id 
_atom_site.pdbx_PDB_ins_code 
_atom_site.Cartn_x 
_atom_site.Cartn_y 
_atom_site.Cartn_z 
_atom_site.occupancy 
_atom_site.B_iso_or_equiv 
_atom_site.pdbx_formal_charge 
_atom_site.auth_seq_id 
_atom_site.auth_comp_id 
_atom_site.auth_asym_id 
_atom_site.auth_atom_id 
_atom_site.pdbx_PDB_model_num 
ATOM   1   O "O5'" . DC  A 1 1 ? 2.626  15.468  -0.241 1.00 32.08 ? 1001 DC  A "O5'" 1 
ATOM   2   C "C5'" . DC  A 1 1 ? 1.377  16.018  -0.485 1.00 23.00 ? 1001 DC  A "C5'" 1 
ATOM   3   C "C4'" . DC  A 1 1 ? 0.871  15.200  -1.668 1.00 20.98 ? 1001 DC  A "C4'" 1 
ATOM   4   O "O4'" . DC  A 1 1 ? 1.820  14.908  -2.753 1.00 22.98 ? 1001 DC  A "O4'" 1 
ATOM   5   C "C3'" . DC  A 1 1 ? 0.358  13.782  -1.248 1.00 23.71 ? 1001 DC  A "C3'" 1 
ATOM   6   O "O3'" . DC  A 1 1 ? -0.937 13.903  -0.836 1.00 23.45 ? 1001 DC  A "O3'" 1 
ATOM   7   C "C2'" . DC  A 1 1 ? 0.388  12.771  -2.421 1.00 23.10 ? 1001 DC  A "C2'" 1 
ATOM   8   C "C1'" . DC  A 1 1 ? 1.608  13.505  -3.231 1.00 22.97 ? 1001 DC  A "C1'" 1 
ATOM   9   N N1    . DC  A 1 1 ? 2.980  12.942  -3.248 1.00 23.63 ? 1001 DC  A N1    1 
ATOM   10  C C2    . DC  A 1 1 ? 3.387  12.209  -4.357 1.00 23.65 ? 1001 DC  A C2    1 
ATOM   11  O O2    . DC  A 1 1 ? 2.582  12.054  -5.296 1.00 22.44 ? 1001 DC  A O2    1 
ATOM   12  N N3    . DC  A 1 1 ? 4.644  11.708  -4.357 1.00 18.72 ? 1001 DC  A N3    1 
ATOM   13  C C4    . DC  A 1 1 ? 5.469  11.906  -3.319 1.00 20.85 ? 1001 DC  A C4    1 
ATOM   14  N N4    . DC  A 1 1 ? 6.690  11.389  -3.369 1.00 26.20 ? 1001 DC  A N4    1 
ATOM   15  C C5    . DC  A 1 1 ? 5.066  12.654  -2.175 1.00 26.69 ? 1001 DC  A C5    1 
ATOM   16  C C6    . DC  A 1 1 ? 3.820  13.149  -2.187 1.00 26.48 ? 1001 DC  A C6    1 
ATOM   17  P P     . DG  A 1 2 ? -1.591 12.709  0.216  1.00 33.14 ? 1002 DG  A P     1 
ATOM   18  O OP1   . DG  A 1 2 ? -2.889 13.298  0.690  1.00 25.30 ? 1002 DG  A OP1   1 
ATOM   19  O OP2   . DG  A 1 2 ? -0.533 12.493  1.256  1.00 36.44 ? 1002 DG  A OP2   1 
ATOM   20  O "O5'" . DG  A 1 2 ? -1.780 11.413  -0.818 1.00 26.42 ? 1002 DG  A "O5'" 1 
ATOM   21  C "C5'" . DG  A 1 2 ? -2.328 10.350  -0.121 1.00 27.35 ? 1002 DG  A "C5'" 1 
ATOM   22  C "C4'" . DG  A 1 2 ? -2.487 9.352   -1.269 1.00 31.23 ? 1002 DG  A "C4'" 1 
ATOM   23  O "O4'" . DG  A 1 2 ? -1.295 8.704   -1.821 1.00 38.09 ? 1002 DG  A "O4'" 1 
ATOM   24  C "C3'" . DG  A 1 2 ? -3.381 8.134   -0.853 1.00 31.21 ? 1002 DG  A "C3'" 1 
ATOM   25  O "O3'" . DG  A 1 2 ? -4.117 7.781   -1.937 1.00 28.09 ? 1002 DG  A "O3'" 1 
ATOM   26  C "C2'" . DG  A 1 2 ? -2.508 6.936   -0.393 1.00 36.31 ? 1002 DG  A "C2'" 1 
ATOM   27  C "C1'" . DG  A 1 2 ? -1.207 7.308   -1.328 1.00 35.27 ? 1002 DG  A "C1'" 1 
ATOM   28  N N9    . DG  A 1 2 ? 0.165  7.200   -0.799 1.00 24.64 ? 1002 DG  A N9    1 
ATOM   29  C C8    . DG  A 1 2 ? 0.662  7.821   0.325  1.00 31.19 ? 1002 DG  A C8    1 
ATOM   30  N N7    . DG  A 1 2 ? 1.917  7.548   0.562  1.00 32.58 ? 1002 DG  A N7    1 
ATOM   31  C C5    . DG  A 1 2 ? 2.273  6.688   -0.474 1.00 30.50 ? 1002 DG  A C5    1 
ATOM   32  C C6    . DG  A 1 2 ? 3.509  6.060   -0.748 1.00 27.91 ? 1002 DG  A C6    1 
ATOM   33  O O6    . DG  A 1 2 ? 4.582  6.116   -0.135 1.00 23.02 ? 1002 DG  A O6    1 
ATOM   34  N N1    . DG  A 1 2 ? 3.446  5.270   -1.894 1.00 22.36 ? 1002 DG  A N1    1 
ATOM   35  C C2    . DG  A 1 2 ? 2.336  5.108   -2.674 1.00 26.71 ? 1002 DG  A C2    1 
ATOM   36  N N2    . DG  A 1 2 ? 2.517  4.297   -3.726 1.00 23.67 ? 1002 DG  A N2    1 
ATOM   37  N N3    . DG  A 1 2 ? 1.173  5.690   -2.430 1.00 27.76 ? 1002 DG  A N3    1 
ATOM   38  C C4    . DG  A 1 2 ? 1.203  6.465   -1.320 1.00 27.03 ? 1002 DG  A C4    1 
ATOM   39  P P     . DT  A 1 3 ? -5.258 6.489   -1.878 1.00 34.32 ? 1003 DT  A P     1 
ATOM   40  O OP1   . DT  A 1 3 ? -6.230 6.801   -2.959 1.00 32.79 ? 1003 DT  A OP1   1 
ATOM   41  O OP2   . DT  A 1 3 ? -5.751 6.497   -0.462 1.00 44.21 ? 1003 DT  A OP2   1 
ATOM   42  O "O5'" . DT  A 1 3 ? -4.285 5.169   -2.171 1.00 30.40 ? 1003 DT  A "O5'" 1 
ATOM   43  C "C5'" . DT  A 1 3 ? -3.904 5.266   -3.504 1.00 28.10 ? 1003 DT  A "C5'" 1 
ATOM   44  C "C4'" . DT  A 1 3 ? -3.350 3.856   -3.685 1.00 33.53 ? 1003 DT  A "C4'" 1 
ATOM   45  O "O4'" . DT  A 1 3 ? -1.999 3.601   -3.164 1.00 36.51 ? 1003 DT  A "O4'" 1 
ATOM   46  C "C3'" . DT  A 1 3 ? -4.201 2.758   -2.983 1.00 32.09 ? 1003 DT  A "C3'" 1 
ATOM   47  O "O3'" . DT  A 1 3 ? -4.090 1.595   -3.656 1.00 43.71 ? 1003 DT  A "O3'" 1 
ATOM   48  C "C2'" . DT  A 1 3 ? -3.672 2.514   -1.539 1.00 29.10 ? 1003 DT  A "C2'" 1 
ATOM   49  C "C1'" . DT  A 1 3 ? -2.099 2.622   -2.060 1.00 33.07 ? 1003 DT  A "C1'" 1 
ATOM   50  N N1    . DT  A 1 3 ? -1.027 2.947   -1.098 1.00 31.04 ? 1003 DT  A N1    1 
ATOM   51  C C2    . DT  A 1 3 ? 0.248  2.491   -1.370 1.00 24.13 ? 1003 DT  A C2    1 
ATOM   52  O O2    . DT  A 1 3 ? 0.535  1.837   -2.358 1.00 38.07 ? 1003 DT  A O2    1 
ATOM   53  N N3    . DT  A 1 3 ? 1.188  2.832   -0.430 1.00 21.35 ? 1003 DT  A N3    1 
ATOM   54  C C4    . DT  A 1 3 ? 0.975  3.561   0.718  1.00 21.36 ? 1003 DT  A C4    1 
ATOM   55  O O4    . DT  A 1 3 ? 1.907  3.796   1.475  1.00 29.18 ? 1003 DT  A O4    1 
ATOM   56  C C5    . DT  A 1 3 ? -0.383 4.007   0.941  1.00 36.86 ? 1003 DT  A C5    1 
ATOM   57  C C7    . DT  A 1 3 ? -0.676 4.807   2.173  1.00 44.34 ? 1003 DT  A C7    1 
ATOM   58  C C6    . DT  A 1 3 ? -1.314 3.681   0.031  1.00 38.63 ? 1003 DT  A C6    1 
ATOM   59  P P     . DA  A 1 4 ? -5.273 0.440   -4.121 1.00 48.00 ? 1004 DA  A P     1 
ATOM   60  O OP1   . DA  A 1 4 ? -6.160 1.145   -5.092 1.00 40.79 ? 1004 DA  A OP1   1 
ATOM   61  O OP2   . DA  A 1 4 ? -5.891 -0.007  -2.825 1.00 37.69 ? 1004 DA  A OP2   1 
ATOM   62  O "O5'" . DA  A 1 4 ? -4.350 -0.767  -4.820 1.00 40.49 ? 1004 DA  A "O5'" 1 
ATOM   63  C "C5'" . DA  A 1 4 ? -3.589 -0.372  -5.910 1.00 29.44 ? 1004 DA  A "C5'" 1 
ATOM   64  C "C4'" . DA  A 1 4 ? -2.424 -1.363  -5.790 1.00 20.33 ? 1004 DA  A "C4'" 1 
ATOM   65  O "O4'" . DA  A 1 4 ? -1.475 -1.145  -4.694 1.00 26.01 ? 1004 DA  A "O4'" 1 
ATOM   66  C "C3'" . DA  A 1 4 ? -2.907 -2.834  -5.588 1.00 18.06 ? 1004 DA  A "C3'" 1 
ATOM   67  O "O3'" . DA  A 1 4 ? -2.098 -3.669  -6.296 1.00 22.55 ? 1004 DA  A "O3'" 1 
ATOM   68  C "C2'" . DA  A 1 4 ? -2.842 -3.244  -4.090 1.00 20.00 ? 1004 DA  A "C2'" 1 
ATOM   69  C "C1'" . DA  A 1 4 ? -1.598 -2.240  -3.721 1.00 31.75 ? 1004 DA  A "C1'" 1 
ATOM   70  N N9    . DA  A 1 4 ? -1.590 -1.584  -2.406 1.00 24.93 ? 1004 DA  A N9    1 
ATOM   71  C C8    . DA  A 1 4 ? -2.682 -1.083  -1.742 1.00 26.47 ? 1004 DA  A C8    1 
ATOM   72  N N7    . DA  A 1 4 ? -2.379 -0.549  -0.578 1.00 28.21 ? 1004 DA  A N7    1 
ATOM   73  C C5    . DA  A 1 4 ? -1.003 -0.713  -0.479 1.00 28.34 ? 1004 DA  A C5    1 
ATOM   74  C C6    . DA  A 1 4 ? -0.079 -0.357  0.519  1.00 24.81 ? 1004 DA  A C6    1 
ATOM   75  N N6    . DA  A 1 4 ? -0.433 0.262   1.650  1.00 21.74 ? 1004 DA  A N6    1 
ATOM   76  N N1    . DA  A 1 4 ? 1.225  -0.658  0.322  1.00 21.60 ? 1004 DA  A N1    1 
ATOM   77  C C2    . DA  A 1 4 ? 1.559  -1.278  -0.817 1.00 20.15 ? 1004 DA  A C2    1 
ATOM   78  N N3    . DA  A 1 4 ? 0.777  -1.664  -1.833 1.00 29.19 ? 1004 DA  A N3    1 
ATOM   79  C C4    . DA  A 1 4 ? -0.508 -1.352  -1.603 1.00 25.58 ? 1004 DA  A C4    1 
ATOM   80  P P     . DC  A 1 5 ? -2.265 -5.400  -6.271 1.00 26.84 ? 1005 DC  A P     1 
ATOM   81  O OP1   . DC  A 1 5 ? -1.715 -5.828  -7.594 1.00 21.22 ? 1005 DC  A OP1   1 
ATOM   82  O OP2   . DC  A 1 5 ? -3.737 -5.582  -6.019 1.00 25.12 ? 1005 DC  A OP2   1 
ATOM   83  O "O5'" . DC  A 1 5 ? -1.330 -5.836  -4.969 1.00 20.69 ? 1005 DC  A "O5'" 1 
ATOM   84  C "C5'" . DC  A 1 5 ? 0.024  -5.796  -5.301 1.00 22.82 ? 1005 DC  A "C5'" 1 
ATOM   85  C "C4'" . DC  A 1 5 ? 0.660  -6.126  -3.947 1.00 16.25 ? 1005 DC  A "C4'" 1 
ATOM   86  O "O4'" . DC  A 1 5 ? 0.411  -5.188  -2.841 1.00 19.10 ? 1005 DC  A "O4'" 1 
ATOM   87  C "C3'" . DC  A 1 5 ? 0.185  -7.505  -3.397 1.00 21.22 ? 1005 DC  A "C3'" 1 
ATOM   88  O "O3'" . DC  A 1 5 ? 1.239  -8.235  -2.925 1.00 26.60 ? 1005 DC  A "O3'" 1 
ATOM   89  C "C2'" . DC  A 1 5 ? -0.799 -7.326  -2.202 1.00 24.49 ? 1005 DC  A "C2'" 1 
ATOM   90  C "C1'" . DC  A 1 5 ? -0.017 -5.965  -1.664 1.00 18.75 ? 1005 DC  A "C1'" 1 
ATOM   91  N N1    . DC  A 1 5 ? -0.711 -5.082  -0.703 1.00 22.99 ? 1005 DC  A N1    1 
ATOM   92  C C2    . DC  A 1 5 ? 0.027  -4.484  0.313  1.00 23.73 ? 1005 DC  A C2    1 
ATOM   93  O O2    . DC  A 1 5 ? 1.252  -4.680  0.424  1.00 23.70 ? 1005 DC  A O2    1 
ATOM   94  N N3    . DC  A 1 5 ? -0.615 -3.678  1.192  1.00 22.55 ? 1005 DC  A N3    1 
ATOM   95  C C4    . DC  A 1 5 ? -1.926 -3.462  1.087  1.00 26.29 ? 1005 DC  A C4    1 
ATOM   96  N N4    . DC  A 1 5 ? -2.457 -2.647  2.007  1.00 28.50 ? 1005 DC  A N4    1 
ATOM   97  C C5    . DC  A 1 5 ? -2.707 -4.060  0.056  1.00 21.85 ? 1005 DC  A C5    1 
ATOM   98  C C6    . DC  A 1 5 ? -2.062 -4.862  -0.818 1.00 22.21 ? 1005 DC  A C6    1 
ATOM   99  P P     . DG  A 1 6 ? 1.206  -9.965  -3.087 1.00 28.64 ? 1006 DG  A P     1 
ATOM   100 O OP1   . DG  A 1 6 ? 1.891  -10.254 -4.394 1.00 26.81 ? 1006 DG  A OP1   1 
ATOM   101 O OP2   . DG  A 1 6 ? -0.236 -10.326 -2.980 1.00 25.38 ? 1006 DG  A OP2   1 
ATOM   102 O "O5'" . DG  A 1 6 ? 2.153  -10.473 -1.822 1.00 30.17 ? 1006 DG  A "O5'" 1 
ATOM   103 C "C5'" . DG  A 1 6 ? 1.443  -10.174 -0.693 1.00 20.59 ? 1006 DG  A "C5'" 1 
ATOM   104 C "C4'" . DG  A 1 6 ? 2.169  -11.048 0.320  1.00 30.33 ? 1006 DG  A "C4'" 1 
ATOM   105 O "O4'" . DG  A 1 6 ? 1.866  -10.781 1.737  1.00 25.32 ? 1006 DG  A "O4'" 1 
ATOM   106 C "C3'" . DG  A 1 6 ? 1.870  -12.568 0.160  1.00 25.78 ? 1006 DG  A "C3'" 1 
ATOM   107 O "O3'" . DG  A 1 6 ? 2.941  -13.304 0.569  1.00 36.51 ? 1006 DG  A "O3'" 1 
ATOM   108 C "C2'" . DG  A 1 6 ? 0.669  -12.980 1.047  1.00 28.35 ? 1006 DG  A "C2'" 1 
ATOM   109 C "C1'" . DG  A 1 6 ? 0.991  -11.856 2.208  1.00 30.84 ? 1006 DG  A "C1'" 1 
ATOM   110 N N9    . DG  A 1 6 ? -0.165 -11.189 2.827  1.00 32.10 ? 1006 DG  A N9    1 
ATOM   111 C C8    . DG  A 1 6 ? -1.461 -11.223 2.384  1.00 17.88 ? 1006 DG  A C8    1 
ATOM   112 N N7    . DG  A 1 6 ? -2.262 -10.537 3.136  1.00 26.14 ? 1006 DG  A N7    1 
ATOM   113 C C5    . DG  A 1 6 ? -1.464 -10.015 4.137  1.00 19.23 ? 1006 DG  A C5    1 
ATOM   114 C C6    . DG  A 1 6 ? -1.783 -9.189  5.243  1.00 16.57 ? 1006 DG  A C6    1 
ATOM   115 O O6    . DG  A 1 6 ? -2.895 -8.735  5.564  1.00 21.54 ? 1006 DG  A O6    1 
ATOM   116 N N1    . DG  A 1 6 ? -0.641 -8.909  5.996  1.00 24.75 ? 1006 DG  A N1    1 
ATOM   117 C C2    . DG  A 1 6 ? 0.626  -9.362  5.726  1.00 23.41 ? 1006 DG  A C2    1 
ATOM   118 N N2    . DG  A 1 6 ? 1.632  -9.011  6.541  1.00 20.27 ? 1006 DG  A N2    1 
ATOM   119 N N3    . DG  A 1 6 ? 0.921  -10.131 4.694  1.00 21.12 ? 1006 DG  A N3    1 
ATOM   120 C C4    . DG  A 1 6 ? -0.156 -10.414 3.956  1.00 25.11 ? 1006 DG  A C4    1 
HETATM 121 O O24   . DRC B 2 . ? 2.302  6.519   3.971  0.66 44.94 ? 3014 DRC A O24   1 
HETATM 122 C C20   . DRC B 2 . ? 3.286  8.616   3.101  0.66 47.13 ? 3014 DRC A C20   1 
HETATM 123 C C21   . DRC B 2 . ? 2.771  7.845   4.341  0.66 46.18 ? 3014 DRC A C21   1 
HETATM 124 C C22   . DRC B 2 . ? 4.522  6.410   2.887  0.66 47.47 ? 3014 DRC A C22   1 
HETATM 125 C C23   . DRC B 2 . ? 3.096  5.809   2.977  0.66 45.00 ? 3014 DRC A C23   1 
HETATM 126 N N19   . DRC B 2 . ? 4.427  7.859   2.455  0.66 49.55 ? 3014 DRC A N19   1 
HETATM 127 C C18   . DRC B 2 . ? 5.742  8.603   2.369  0.66 40.66 ? 3014 DRC A C18   1 
HETATM 128 C C17   . DRC B 2 . ? 5.793  9.730   1.278  1.00 30.44 ? 3014 DRC A C17   1 
HETATM 129 N N16   . DRC B 2 . ? 4.784  9.512   0.195  1.00 33.47 ? 3014 DRC A N16   1 
HETATM 130 C C15   . DRC B 2 . ? 5.139  9.191   -1.067 1.00 32.45 ? 3014 DRC A C15   1 
HETATM 131 O O15   . DRC B 2 . ? 6.335  8.969   -1.248 1.00 33.85 ? 3014 DRC A O15   1 
HETATM 132 N N9    . DRC B 2 . ? 2.792  6.758   -6.329 1.00 33.20 ? 3014 DRC A N9    1 
HETATM 133 C C4    . DRC B 2 . ? 4.140  9.034   -2.208 1.00 27.95 ? 3014 DRC A C4    1 
HETATM 134 C C3    . DRC B 2 . ? 2.837  9.515   -2.033 1.00 21.33 ? 3014 DRC A C3    1 
HETATM 135 C C2    . DRC B 2 . ? 1.851  9.239   -2.963 1.00 30.54 ? 3014 DRC A C2    1 
HETATM 136 C C1    . DRC B 2 . ? 2.114  8.471   -4.080 1.00 32.00 ? 3014 DRC A C1    1 
HETATM 137 C C11   . DRC B 2 . ? 3.394  7.903   -4.287 1.00 31.23 ? 3014 DRC A C11   1 
HETATM 138 C C12   . DRC B 2 . ? 4.437  8.200   -3.330 1.00 30.73 ? 3014 DRC A C12   1 
HETATM 139 C C9    . DRC B 2 . ? 3.723  7.080   -5.403 1.00 27.77 ? 3014 DRC A C9    1 
HETATM 140 C C13   . DRC B 2 . ? 5.062  6.640   -5.556 1.00 26.98 ? 3014 DRC A C13   1 
HETATM 141 C C14   . DRC B 2 . ? 6.018  7.014   -4.539 1.00 24.72 ? 3014 DRC A C14   1 
HETATM 142 N N10   . DRC B 2 . ? 5.654  7.708   -3.482 1.00 21.56 ? 3014 DRC A N10   1 
HETATM 143 C C8    . DRC B 2 . ? 5.513  5.851   -6.642 1.00 27.72 ? 3014 DRC A C8    1 
HETATM 144 C C7    . DRC B 2 . ? 6.855  5.488   -6.751 1.00 27.95 ? 3014 DRC A C7    1 
HETATM 145 C C6    . DRC B 2 . ? 7.754  5.856   -5.756 1.00 25.70 ? 3014 DRC A C6    1 
HETATM 146 C C5    . DRC B 2 . ? 7.328  6.558   -4.637 1.00 20.68 ? 3014 DRC A C5    1 
HETATM 147 O O24   . DRC C 2 . ? -4.764 -8.061  2.890  0.50 37.58 ? 3015 DRC A O24   1 
HETATM 148 C C20   . DRC C 2 . ? -5.987 -9.731  4.257  0.50 26.47 ? 3015 DRC A C20   1 
HETATM 149 C C21   . DRC C 2 . ? -5.411 -8.299  4.172  0.50 34.38 ? 3015 DRC A C21   1 
HETATM 150 C C22   . DRC C 2 . ? -5.025 -10.345 1.989  0.50 32.68 ? 3015 DRC A C22   1 
HETATM 151 C C23   . DRC C 2 . ? -5.275 -8.838  1.769  0.50 28.06 ? 3015 DRC A C23   1 
HETATM 152 N N19   . DRC C 2 . ? -5.153 -10.710 3.454  0.50 29.52 ? 3015 DRC A N19   1 
HETATM 153 C C18   . DRC C 2 . ? -5.524 -12.162 3.675  0.50 33.63 ? 3015 DRC A C18   1 
HETATM 154 C C17   . DRC C 2 . ? -5.449 -12.667 5.158  0.50 33.25 ? 3015 DRC A C17   1 
HETATM 155 N N16   . DRC C 2 . ? -4.018 -12.845 5.556  0.50 36.61 ? 3015 DRC A N16   1 
HETATM 156 C C15   . DRC C 2 . ? -3.469 -12.147 6.564  0.50 31.47 ? 3015 DRC A C15   1 
HETATM 157 O O15   . DRC C 2 . ? -4.270 -11.462 7.190  0.50 22.41 ? 3015 DRC A O15   1 
HETATM 158 N N9    . DRC C 2 . ? 1.658  -10.915 9.958  0.50 23.72 ? 3015 DRC A N9    1 
HETATM 159 C C4    . DRC C 2 . ? -1.995 -12.216 6.967  0.50 30.17 ? 3015 DRC A C4    1 
HETATM 160 C C3    . DRC C 2 . ? -1.118 -12.992 6.202  0.50 29.21 ? 3015 DRC A C3    1 
HETATM 161 C C2    . DRC C 2 . ? 0.225  -13.081 6.525  0.50 21.72 ? 3015 DRC A C2    1 
HETATM 162 C C1    . DRC C 2 . ? 0.730  -12.406 7.619  0.50 16.79 ? 3015 DRC A C1    1 
HETATM 163 C C11   . DRC C 2 . ? -0.098 -11.621 8.451  0.50 22.75 ? 3015 DRC A C11   1 
HETATM 164 C C12   . DRC C 2 . ? -1.501 -11.523 8.108  0.50 25.58 ? 3015 DRC A C12   1 
HETATM 165 C C9    . DRC C 2 . ? 0.355  -10.898 9.594  0.50 11.51 ? 3015 DRC A C9    1 
HETATM 166 C C13   . DRC C 2 . ? -0.581 -10.101 10.307 0.50 17.71 ? 3015 DRC A C13   1 
HETATM 167 C C14   . DRC C 2 . ? -1.962 -10.130 9.896  0.50 20.36 ? 3015 DRC A C14   1 
HETATM 168 N N10   . DRC C 2 . ? -2.338 -10.808 8.845  0.50 23.48 ? 3015 DRC A N10   1 
HETATM 169 C C8    . DRC C 2 . ? -0.277 -9.391  11.493 0.50 20.67 ? 3015 DRC A C8    1 
HETATM 170 C C7    . DRC C 2 . ? -1.239 -8.623  12.132 0.50 24.06 ? 3015 DRC A C7    1 
HETATM 171 C C6    . DRC C 2 . ? -2.561 -8.652  11.705 0.50 31.80 ? 3015 DRC A C6    1 
HETATM 172 C C5    . DRC C 2 . ? -2.911 -9.354  10.557 0.50 25.04 ? 3015 DRC A C5    1 
HETATM 173 O O     . HOH D 3 . ? 4.457  -10.747 -4.802 1.00 27.88 ? 4001 HOH A O     1 
HETATM 174 O O     . HOH D 3 . ? -5.443 12.330  1.122  1.00 27.02 ? 4002 HOH A O     1 
HETATM 175 O O     . HOH D 3 . ? -1.568 11.338  3.544  1.00 43.22 ? 4003 HOH A O     1 
HETATM 176 O O     . HOH D 3 . ? -0.207 14.356  3.102  1.00 33.96 ? 4004 HOH A O     1 
HETATM 177 O O     . HOH D 3 . ? 1.857  11.186  0.896  1.00 32.03 ? 4005 HOH A O     1 
HETATM 178 O O     . HOH D 3 . ? 4.375  -13.261 3.300  1.00 35.81 ? 4006 HOH A O     1 
HETATM 179 O O     . HOH D 3 . ? 2.782  -14.638 4.703  1.00 23.23 ? 4007 HOH A O     1 
HETATM 180 O O     . HOH D 3 . ? 4.902  16.748  -0.966 1.00 19.51 ? 4008 HOH A O     1 
HETATM 181 O O     . HOH D 3 . ? 0.224  -15.065 3.392  0.50 26.49 ? 4009 HOH A O     1 
HETATM 182 O O     . HOH D 3 . ? -1.925 8.603   2.786  1.00 38.53 ? 4010 HOH A O     1 
HETATM 183 O O     . HOH D 3 . ? 2.945  -9.719  11.735 1.00 28.29 ? 4011 HOH A O     1 
HETATM 184 O O     . HOH D 3 . ? -5.963 8.354   -4.625 1.00 40.60 ? 4012 HOH A O     1 
HETATM 185 O O     . HOH D 3 . ? -0.343 1.493   -4.820 1.00 29.94 ? 4013 HOH A O     1 
HETATM 186 O O     . HOH D 3 . ? -1.230 -8.424  -7.698 1.00 30.13 ? 4014 HOH A O     1 
HETATM 187 O O     . HOH D 3 . ? -1.840 -10.153 -5.456 1.00 43.65 ? 4015 HOH A O     1 
HETATM 188 O O     . HOH D 3 . ? -2.969 -5.749  -9.615 1.00 40.97 ? 4016 HOH A O     1 
HETATM 189 O O     . HOH D 3 . ? 6.217  -13.847 4.562  1.00 47.34 ? 4017 HOH A O     1 
HETATM 190 O O     . HOH D 3 . ? -5.484 -2.447  1.792  1.00 31.77 ? 4018 HOH A O     1 
HETATM 191 O O     . HOH D 3 . ? 0.657  5.541   6.352  0.33 52.97 ? 4019 HOH A O     1 
HETATM 192 O O     . HOH D 3 . ? 0.760  -16.510 1.475  0.50 57.15 ? 4020 HOH A O     1 
# 
